data_3CPB
#
_entry.id   3CPB
#
_cell.length_a   54.919
_cell.length_b   67.552
_cell.length_c   88.730
_cell.angle_alpha   90.00
_cell.angle_beta   92.524
_cell.angle_gamma   90.00
#
_symmetry.space_group_name_H-M   'P 1 21 1'
#
loop_
_entity.id
_entity.type
_entity.pdbx_description
1 polymer 'Vascular endothelial growth factor receptor 2'
2 non-polymer "N'-(6-aminopyridin-3-yl)-N-(2-cyclopentylethyl)-4-methyl-benzene-1,3-dicarboxamide"
3 water water
#
_entity_poly.entity_id   1
_entity_poly.type   'polypeptide(L)'
_entity_poly.pdbx_seq_one_letter_code
;EHAERLPYDASKWEFPRDRLKLGKPLGRGAFGQVIEADAFGIDKTATCRTVAVKMLKEGATHSEHRALMSELKILIHIGH
HLNVVNLLGACTKPGGPLMVITEFCKFGNLSTYLRSKRNEFVPYKVAPEDLYKDFLTLEHLICYSFQVAKGMEFLASRKC
IHRDLAARNILLSEKNVVKICDFGLARDI(PTR)KDPD(PTR)VRKGDARLPLKWMAPETIFDRVYTIQSDVWSFGVLLW
EIFSLGASPYPGVKIDEEFCRRLKEGTRMRAPDYTTPEMYQTMLDCWHGEPSQRPTFSELVEHLGNLLQANAQQDRHHHH
HH
;
_entity_poly.pdbx_strand_id   A,B
#
# COMPACT_ATOMS: atom_id res chain seq x y z
N ARG A 5 1.45 -32.77 5.26
CA ARG A 5 1.45 -34.23 4.87
C ARG A 5 1.86 -34.44 3.40
N LEU A 6 1.59 -33.43 2.58
CA LEU A 6 2.03 -33.41 1.18
C LEU A 6 3.53 -33.07 1.11
N PRO A 7 4.20 -33.36 -0.02
CA PRO A 7 5.65 -33.16 -0.08
C PRO A 7 6.09 -31.73 -0.48
N TYR A 8 7.30 -31.35 -0.06
CA TYR A 8 7.93 -30.14 -0.57
C TYR A 8 9.25 -30.44 -1.30
N ASP A 9 9.18 -30.33 -2.63
CA ASP A 9 10.34 -30.51 -3.51
C ASP A 9 11.10 -29.19 -3.58
N ALA A 10 12.10 -29.04 -2.71
CA ALA A 10 12.88 -27.81 -2.62
C ALA A 10 13.67 -27.50 -3.91
N SER A 11 14.15 -28.54 -4.59
CA SER A 11 14.92 -28.38 -5.82
C SER A 11 14.16 -27.58 -6.87
N LYS A 12 12.85 -27.83 -6.96
CA LYS A 12 12.00 -27.15 -7.94
C LYS A 12 11.55 -25.78 -7.43
N TRP A 13 11.21 -25.69 -6.15
CA TRP A 13 10.49 -24.52 -5.63
C TRP A 13 11.29 -23.49 -4.82
N GLU A 14 12.39 -23.90 -4.19
CA GLU A 14 13.12 -23.03 -3.26
C GLU A 14 13.76 -21.85 -3.97
N PHE A 15 13.67 -20.69 -3.34
CA PHE A 15 14.18 -19.43 -3.89
C PHE A 15 14.93 -18.70 -2.78
N PRO A 16 16.10 -18.10 -3.10
CA PRO A 16 16.91 -17.44 -2.07
C PRO A 16 16.31 -16.13 -1.61
N ARG A 17 16.43 -15.85 -0.31
CA ARG A 17 15.83 -14.68 0.31
C ARG A 17 16.45 -13.35 -0.14
N ASP A 18 17.77 -13.32 -0.31
CA ASP A 18 18.43 -12.08 -0.74
C ASP A 18 18.35 -11.86 -2.25
N ARG A 19 17.47 -12.64 -2.89
CA ARG A 19 17.12 -12.40 -4.29
C ARG A 19 15.79 -11.65 -4.39
N LEU A 20 15.25 -11.29 -3.23
CA LEU A 20 14.03 -10.52 -3.10
C LEU A 20 14.30 -9.13 -2.52
N LYS A 21 13.58 -8.14 -3.05
CA LYS A 21 13.54 -6.79 -2.49
C LYS A 21 12.11 -6.44 -2.16
N LEU A 22 11.78 -6.46 -0.87
CA LEU A 22 10.41 -6.27 -0.43
C LEU A 22 9.96 -4.82 -0.56
N GLY A 23 8.84 -4.62 -1.24
CA GLY A 23 8.25 -3.29 -1.42
C GLY A 23 7.13 -3.01 -0.45
N LYS A 24 6.07 -2.38 -0.95
CA LYS A 24 4.94 -1.98 -0.10
C LYS A 24 4.04 -3.15 0.30
N PRO A 25 3.53 -3.13 1.55
CA PRO A 25 2.51 -4.10 1.97
C PRO A 25 1.26 -4.03 1.10
N LEU A 26 0.51 -5.12 1.03
CA LEU A 26 -0.70 -5.19 0.20
C LEU A 26 -1.91 -5.58 1.02
N GLN A 33 1.37 -11.27 6.82
CA GLN A 33 1.23 -10.11 5.93
C GLN A 33 1.69 -10.41 4.51
N VAL A 34 1.08 -9.73 3.53
CA VAL A 34 1.40 -9.94 2.12
C VAL A 34 2.05 -8.68 1.53
N ILE A 35 3.25 -8.85 0.98
CA ILE A 35 4.04 -7.72 0.45
C ILE A 35 4.32 -7.90 -1.02
N GLU A 36 4.33 -6.78 -1.75
CA GLU A 36 4.82 -6.74 -3.12
C GLU A 36 6.35 -6.74 -3.07
N ALA A 37 6.99 -7.31 -4.09
CA ALA A 37 8.45 -7.41 -4.12
C ALA A 37 9.02 -7.60 -5.51
N ASP A 38 10.31 -7.31 -5.66
CA ASP A 38 11.04 -7.64 -6.87
C ASP A 38 11.76 -8.96 -6.67
N ALA A 39 11.52 -9.91 -7.57
CA ALA A 39 12.24 -11.16 -7.56
C ALA A 39 13.27 -11.14 -8.68
N PHE A 40 14.51 -11.47 -8.34
CA PHE A 40 15.58 -11.50 -9.31
C PHE A 40 15.95 -12.93 -9.65
N GLY A 41 15.59 -13.34 -10.87
CA GLY A 41 15.95 -14.64 -11.40
C GLY A 41 14.98 -15.75 -11.06
N ILE A 42 13.72 -15.40 -10.80
CA ILE A 42 12.70 -16.39 -10.46
C ILE A 42 12.20 -17.17 -11.69
N ASP A 43 12.29 -16.54 -12.86
CA ASP A 43 11.88 -17.16 -14.13
C ASP A 43 13.06 -17.36 -15.06
N LYS A 44 12.87 -18.21 -16.05
CA LYS A 44 13.80 -18.31 -17.17
C LYS A 44 13.70 -17.04 -18.02
N THR A 45 12.46 -16.55 -18.19
CA THR A 45 12.12 -15.49 -19.14
C THR A 45 12.68 -14.10 -18.81
N ALA A 46 12.68 -13.73 -17.53
CA ALA A 46 13.10 -12.39 -17.12
C ALA A 46 14.16 -12.42 -16.02
N THR A 47 15.02 -11.39 -16.01
CA THR A 47 15.98 -11.23 -14.92
C THR A 47 15.31 -10.64 -13.68
N CYS A 48 14.54 -9.57 -13.87
CA CYS A 48 13.73 -9.02 -12.77
C CYS A 48 12.23 -9.16 -13.06
N ARG A 49 11.48 -9.54 -12.03
CA ARG A 49 10.03 -9.70 -12.13
C ARG A 49 9.38 -9.24 -10.84
N THR A 50 8.25 -8.54 -10.95
CA THR A 50 7.44 -8.15 -9.79
C THR A 50 6.60 -9.34 -9.34
N VAL A 51 6.54 -9.53 -8.02
CA VAL A 51 5.88 -10.68 -7.42
C VAL A 51 5.12 -10.28 -6.14
N ALA A 52 4.29 -11.20 -5.63
CA ALA A 52 3.67 -11.03 -4.33
C ALA A 52 4.23 -12.07 -3.37
N VAL A 53 4.50 -11.64 -2.14
CA VAL A 53 5.12 -12.50 -1.14
C VAL A 53 4.26 -12.56 0.12
N LYS A 54 3.92 -13.77 0.54
CA LYS A 54 3.21 -13.99 1.80
C LYS A 54 4.23 -14.40 2.85
N MET A 55 4.25 -13.67 3.95
CA MET A 55 5.33 -13.75 4.91
C MET A 55 4.82 -13.89 6.34
N LEU A 56 5.43 -14.81 7.08
CA LEU A 56 5.15 -14.96 8.50
C LEU A 56 5.76 -13.79 9.28
N LYS A 57 4.96 -13.22 10.17
CA LYS A 57 5.44 -12.17 11.08
C LYS A 57 6.43 -12.78 12.08
N GLU A 58 7.39 -11.97 12.53
CA GLU A 58 8.42 -12.43 13.48
C GLU A 58 7.80 -13.03 14.75
N GLY A 59 8.36 -14.17 15.18
CA GLY A 59 7.97 -14.86 16.41
C GLY A 59 6.56 -15.45 16.44
N ALA A 60 6.02 -15.78 15.27
CA ALA A 60 4.68 -16.35 15.18
C ALA A 60 4.63 -17.83 15.60
N THR A 61 3.42 -18.32 15.87
CA THR A 61 3.19 -19.66 16.43
C THR A 61 3.71 -20.79 15.53
N HIS A 62 4.02 -21.93 16.15
CA HIS A 62 4.42 -23.16 15.45
C HIS A 62 3.35 -23.60 14.45
N SER A 63 2.09 -23.58 14.87
CA SER A 63 0.98 -24.02 14.03
C SER A 63 0.63 -23.00 12.94
N GLU A 64 0.95 -21.73 13.18
CA GLU A 64 0.82 -20.69 12.15
C GLU A 64 1.85 -20.91 11.04
N HIS A 65 2.99 -21.46 11.42
CA HIS A 65 4.01 -21.89 10.46
C HIS A 65 3.45 -23.02 9.59
N ARG A 66 2.99 -24.08 10.24
CA ARG A 66 2.41 -25.24 9.54
C ARG A 66 1.24 -24.85 8.63
N ALA A 67 0.43 -23.90 9.08
CA ALA A 67 -0.68 -23.38 8.29
C ALA A 67 -0.22 -22.84 6.94
N LEU A 68 0.78 -21.95 6.97
CA LEU A 68 1.35 -21.36 5.76
C LEU A 68 2.10 -22.42 4.94
N MET A 69 2.75 -23.35 5.63
CA MET A 69 3.41 -24.48 4.99
C MET A 69 2.46 -25.34 4.16
N SER A 70 1.28 -25.61 4.70
CA SER A 70 0.27 -26.41 4.00
C SER A 70 -0.31 -25.67 2.82
N GLU A 71 -0.55 -24.38 3.00
CA GLU A 71 -1.02 -23.48 1.94
C GLU A 71 -0.06 -23.54 0.74
N LEU A 72 1.24 -23.60 1.03
CA LEU A 72 2.26 -23.74 0.00
C LEU A 72 2.22 -25.12 -0.64
N LYS A 73 2.11 -26.17 0.18
CA LYS A 73 2.09 -27.54 -0.30
C LYS A 73 0.85 -27.84 -1.15
N ILE A 74 -0.29 -27.27 -0.76
CA ILE A 74 -1.52 -27.37 -1.52
C ILE A 74 -1.34 -26.76 -2.90
N LEU A 75 -0.76 -25.56 -2.94
CA LEU A 75 -0.49 -24.89 -4.22
C LEU A 75 0.43 -25.71 -5.14
N ILE A 76 1.44 -26.36 -4.55
CA ILE A 76 2.31 -27.27 -5.33
C ILE A 76 1.53 -28.46 -5.86
N HIS A 77 0.80 -29.12 -4.96
CA HIS A 77 0.06 -30.34 -5.28
C HIS A 77 -0.98 -30.16 -6.38
N ILE A 78 -1.77 -29.08 -6.32
CA ILE A 78 -2.83 -28.85 -7.31
C ILE A 78 -2.28 -28.61 -8.72
N GLY A 79 -1.11 -27.99 -8.82
CA GLY A 79 -0.51 -27.70 -10.11
C GLY A 79 -1.00 -26.40 -10.72
N HIS A 80 -0.55 -26.13 -11.94
CA HIS A 80 -0.85 -24.87 -12.61
C HIS A 80 -2.25 -24.84 -13.20
N HIS A 81 -2.94 -23.73 -12.94
CA HIS A 81 -4.13 -23.34 -13.69
C HIS A 81 -4.10 -21.83 -13.88
N LEU A 82 -4.49 -21.39 -15.07
CA LEU A 82 -4.54 -19.97 -15.40
C LEU A 82 -5.38 -19.17 -14.41
N ASN A 83 -6.43 -19.77 -13.89
CA ASN A 83 -7.40 -19.05 -13.06
C ASN A 83 -7.26 -19.23 -11.55
N VAL A 84 -6.15 -19.81 -11.12
CA VAL A 84 -5.82 -19.97 -9.71
C VAL A 84 -4.43 -19.40 -9.50
N VAL A 85 -4.29 -18.46 -8.57
CA VAL A 85 -3.06 -17.68 -8.42
C VAL A 85 -1.82 -18.57 -8.55
N ASN A 86 -0.98 -18.26 -9.53
CA ASN A 86 0.16 -19.09 -9.89
C ASN A 86 1.28 -18.95 -8.88
N LEU A 87 1.75 -20.08 -8.36
CA LEU A 87 2.89 -20.11 -7.45
C LEU A 87 4.19 -20.07 -8.23
N LEU A 88 5.13 -19.25 -7.76
CA LEU A 88 6.42 -19.08 -8.44
C LEU A 88 7.60 -19.64 -7.64
N GLY A 89 7.46 -19.70 -6.32
CA GLY A 89 8.51 -20.22 -5.44
C GLY A 89 8.25 -20.01 -3.96
N ALA A 90 9.22 -20.39 -3.13
CA ALA A 90 9.10 -20.29 -1.69
C ALA A 90 10.45 -20.21 -0.99
N CYS A 91 10.49 -19.54 0.15
CA CYS A 91 11.65 -19.55 1.02
C CYS A 91 11.23 -20.31 2.26
N THR A 92 11.79 -21.51 2.41
CA THR A 92 11.37 -22.43 3.47
C THR A 92 12.53 -22.85 4.36
N LYS A 93 13.74 -22.82 3.80
CA LYS A 93 14.93 -23.27 4.48
C LYS A 93 15.32 -22.30 5.59
N PRO A 94 16.07 -22.79 6.59
CA PRO A 94 16.41 -21.89 7.71
C PRO A 94 17.24 -20.68 7.25
N GLY A 95 17.33 -19.67 8.10
CA GLY A 95 18.09 -18.46 7.79
C GLY A 95 17.22 -17.22 7.61
N GLY A 96 15.91 -17.41 7.68
CA GLY A 96 14.94 -16.32 7.53
C GLY A 96 13.49 -16.78 7.66
N PRO A 97 12.53 -15.86 7.46
CA PRO A 97 11.13 -16.20 7.64
C PRO A 97 10.61 -17.05 6.49
N LEU A 98 9.57 -17.84 6.75
CA LEU A 98 8.90 -18.61 5.72
C LEU A 98 8.17 -17.65 4.78
N MET A 99 8.37 -17.83 3.48
CA MET A 99 7.79 -16.95 2.47
C MET A 99 7.22 -17.78 1.33
N VAL A 100 6.02 -17.40 0.87
CA VAL A 100 5.36 -18.06 -0.24
C VAL A 100 5.16 -17.03 -1.35
N ILE A 101 5.69 -17.34 -2.54
CA ILE A 101 5.77 -16.37 -3.63
C ILE A 101 4.88 -16.72 -4.83
N THR A 102 3.99 -15.79 -5.17
CA THR A 102 3.16 -15.91 -6.35
C THR A 102 3.41 -14.78 -7.34
N GLU A 103 2.75 -14.87 -8.49
CA GLU A 103 2.71 -13.78 -9.46
C GLU A 103 2.07 -12.54 -8.83
N PHE A 104 2.35 -11.38 -9.42
CA PHE A 104 1.71 -10.15 -8.99
C PHE A 104 0.61 -9.76 -9.98
N CYS A 105 -0.63 -9.77 -9.50
CA CYS A 105 -1.77 -9.35 -10.32
C CYS A 105 -1.94 -7.85 -10.22
N LYS A 106 -1.54 -7.17 -11.29
CA LYS A 106 -1.43 -5.71 -11.34
C LYS A 106 -2.61 -4.95 -10.75
N PHE A 107 -3.83 -5.42 -11.02
CA PHE A 107 -5.02 -4.67 -10.71
C PHE A 107 -5.66 -4.93 -9.33
N GLY A 108 -5.20 -5.96 -8.64
CA GLY A 108 -5.67 -6.25 -7.28
C GLY A 108 -6.96 -7.05 -7.23
N ASN A 109 -7.70 -6.92 -6.12
CA ASN A 109 -8.94 -7.66 -5.91
C ASN A 109 -10.11 -7.18 -6.79
N LEU A 110 -10.93 -8.12 -7.22
CA LEU A 110 -12.00 -7.85 -8.20
C LEU A 110 -13.10 -6.94 -7.68
N SER A 111 -13.45 -7.07 -6.40
CA SER A 111 -14.50 -6.24 -5.79
C SER A 111 -14.18 -4.76 -5.98
N THR A 112 -13.03 -4.34 -5.48
CA THR A 112 -12.55 -2.97 -5.62
C THR A 112 -12.48 -2.53 -7.08
N TYR A 113 -11.95 -3.38 -7.97
CA TYR A 113 -11.82 -3.01 -9.39
C TYR A 113 -13.17 -2.76 -10.06
N LEU A 114 -14.14 -3.62 -9.78
CA LEU A 114 -15.48 -3.46 -10.32
C LEU A 114 -16.11 -2.17 -9.81
N ARG A 115 -15.80 -1.83 -8.56
CA ARG A 115 -16.28 -0.63 -7.90
C ARG A 115 -15.77 0.62 -8.62
N SER A 116 -14.54 0.58 -9.08
CA SER A 116 -13.93 1.73 -9.75
C SER A 116 -14.47 1.93 -11.17
N LYS A 117 -15.20 0.92 -11.68
CA LYS A 117 -15.64 0.90 -13.08
C LYS A 117 -17.10 1.29 -13.28
N ARG A 118 -17.77 1.62 -12.19
CA ARG A 118 -19.18 2.04 -12.20
C ARG A 118 -19.48 3.08 -13.28
N ASN A 119 -18.66 4.12 -13.39
CA ASN A 119 -18.87 5.16 -14.41
C ASN A 119 -18.26 4.81 -15.76
N GLU A 120 -17.74 3.59 -15.90
CA GLU A 120 -17.09 3.14 -17.13
C GLU A 120 -17.67 1.79 -17.59
N PHE A 121 -19.00 1.71 -17.64
CA PHE A 121 -19.69 0.50 -18.08
C PHE A 121 -20.66 0.76 -19.22
N VAL A 122 -20.61 -0.14 -20.20
CA VAL A 122 -21.60 -0.23 -21.28
C VAL A 122 -21.88 -1.71 -21.51
N PRO A 123 -23.16 -2.06 -21.78
CA PRO A 123 -23.48 -3.48 -21.98
C PRO A 123 -22.66 -4.11 -23.11
N TYR A 124 -22.37 -3.30 -24.14
CA TYR A 124 -21.67 -3.76 -25.34
C TYR A 124 -21.15 -2.55 -26.13
N LYS A 125 -20.19 -2.78 -27.01
CA LYS A 125 -19.55 -1.70 -27.78
C LYS A 125 -20.00 -1.68 -29.23
N VAL A 126 -20.02 -0.48 -29.81
CA VAL A 126 -20.27 -0.26 -31.25
C VAL A 126 -19.33 0.86 -31.75
N ALA A 127 -19.33 1.09 -33.06
CA ALA A 127 -18.57 2.22 -33.65
C ALA A 127 -19.22 3.55 -33.28
N PRO A 128 -18.41 4.54 -32.83
CA PRO A 128 -16.97 4.46 -32.64
C PRO A 128 -16.59 3.88 -31.28
N GLU A 129 -15.81 2.80 -31.30
CA GLU A 129 -15.45 2.05 -30.11
C GLU A 129 -14.58 2.81 -29.11
N ASP A 130 -13.83 3.79 -29.58
CA ASP A 130 -12.91 4.56 -28.74
C ASP A 130 -13.66 5.40 -27.71
N LEU A 131 -14.97 5.51 -27.91
CA LEU A 131 -15.86 6.13 -26.94
C LEU A 131 -15.95 5.31 -25.65
N TYR A 132 -15.72 4.01 -25.76
CA TYR A 132 -15.78 3.12 -24.60
C TYR A 132 -14.44 2.41 -24.34
N LYS A 133 -13.33 3.14 -24.55
CA LYS A 133 -12.00 2.61 -24.27
C LYS A 133 -11.86 2.21 -22.81
N ASP A 134 -11.45 0.97 -22.58
CA ASP A 134 -11.26 0.41 -21.23
C ASP A 134 -12.55 0.26 -20.40
N PHE A 135 -13.70 0.37 -21.06
CA PHE A 135 -14.97 0.17 -20.42
C PHE A 135 -15.19 -1.30 -20.11
N LEU A 136 -15.94 -1.58 -19.05
CA LEU A 136 -16.45 -2.92 -18.82
C LEU A 136 -17.71 -3.14 -19.63
N THR A 137 -17.86 -4.35 -20.15
CA THR A 137 -19.06 -4.75 -20.89
C THR A 137 -19.64 -6.00 -20.24
N LEU A 138 -20.79 -6.46 -20.73
CA LEU A 138 -21.33 -7.74 -20.30
C LEU A 138 -20.37 -8.91 -20.60
N GLU A 139 -19.58 -8.78 -21.65
CA GLU A 139 -18.61 -9.82 -21.98
C GLU A 139 -17.60 -9.98 -20.85
N HIS A 140 -17.05 -8.86 -20.38
CA HIS A 140 -16.13 -8.83 -19.25
C HIS A 140 -16.72 -9.53 -18.03
N LEU A 141 -17.94 -9.16 -17.66
CA LEU A 141 -18.57 -9.67 -16.46
C LEU A 141 -18.85 -11.17 -16.53
N ILE A 142 -19.39 -11.62 -17.67
CA ILE A 142 -19.61 -13.05 -17.91
C ILE A 142 -18.29 -13.79 -18.04
N CYS A 143 -17.28 -13.12 -18.57
CA CYS A 143 -15.95 -13.69 -18.73
C CYS A 143 -15.28 -13.97 -17.38
N TYR A 144 -15.35 -12.99 -16.48
CA TYR A 144 -14.78 -13.13 -15.14
C TYR A 144 -15.43 -14.31 -14.42
N SER A 145 -16.74 -14.48 -14.63
CA SER A 145 -17.51 -15.58 -14.02
C SER A 145 -17.13 -16.93 -14.59
N PHE A 146 -16.97 -16.97 -15.91
CA PHE A 146 -16.53 -18.17 -16.62
C PHE A 146 -15.14 -18.63 -16.13
N GLN A 147 -14.23 -17.66 -16.03
CA GLN A 147 -12.86 -17.92 -15.58
C GLN A 147 -12.77 -18.43 -14.14
N VAL A 148 -13.55 -17.85 -13.23
CA VAL A 148 -13.58 -18.34 -11.84
C VAL A 148 -14.19 -19.74 -11.78
N ALA A 149 -15.20 -19.99 -12.61
CA ALA A 149 -15.85 -21.30 -12.66
C ALA A 149 -14.86 -22.38 -13.12
N LYS A 150 -14.11 -22.09 -14.17
CA LYS A 150 -13.10 -23.02 -14.66
C LYS A 150 -12.05 -23.31 -13.59
N GLY A 151 -11.66 -22.28 -12.86
CA GLY A 151 -10.69 -22.43 -11.78
C GLY A 151 -11.24 -23.23 -10.60
N MET A 152 -12.53 -23.05 -10.33
CA MET A 152 -13.21 -23.81 -9.28
C MET A 152 -13.47 -25.27 -9.68
N GLU A 153 -13.77 -25.51 -10.96
CA GLU A 153 -13.89 -26.88 -11.49
C GLU A 153 -12.55 -27.62 -11.36
N PHE A 154 -11.46 -26.90 -11.64
CA PHE A 154 -10.10 -27.37 -11.44
C PHE A 154 -9.85 -27.74 -9.97
N LEU A 155 -10.28 -26.86 -9.07
CA LEU A 155 -10.07 -27.07 -7.64
C LEU A 155 -10.94 -28.18 -7.08
N ALA A 156 -12.22 -28.18 -7.47
CA ALA A 156 -13.15 -29.24 -7.09
C ALA A 156 -12.65 -30.60 -7.59
N SER A 157 -12.07 -30.62 -8.78
CA SER A 157 -11.47 -31.82 -9.36
C SER A 157 -10.38 -32.46 -8.50
N ARG A 158 -9.74 -31.65 -7.65
CA ARG A 158 -8.60 -32.10 -6.85
C ARG A 158 -8.95 -32.28 -5.38
N LYS A 159 -10.24 -32.25 -5.08
CA LYS A 159 -10.76 -32.39 -3.71
C LYS A 159 -10.50 -31.18 -2.83
N CYS A 160 -10.25 -30.03 -3.46
CA CYS A 160 -10.12 -28.76 -2.75
C CYS A 160 -11.47 -28.17 -2.39
N ILE A 161 -11.52 -27.45 -1.29
CA ILE A 161 -12.69 -26.67 -0.90
C ILE A 161 -12.19 -25.31 -0.45
N HIS A 162 -12.46 -24.28 -1.25
CA HIS A 162 -11.99 -22.92 -0.97
C HIS A 162 -12.52 -22.40 0.36
N ARG A 163 -13.82 -22.62 0.58
CA ARG A 163 -14.52 -22.25 1.82
C ARG A 163 -14.61 -20.76 2.18
N ASP A 164 -14.10 -19.90 1.30
CA ASP A 164 -14.26 -18.44 1.44
C ASP A 164 -14.26 -17.73 0.08
N LEU A 165 -14.92 -18.35 -0.89
CA LEU A 165 -15.03 -17.82 -2.24
C LEU A 165 -15.86 -16.53 -2.25
N ALA A 166 -15.22 -15.44 -2.68
CA ALA A 166 -15.81 -14.10 -2.70
C ALA A 166 -15.00 -13.26 -3.67
N ALA A 167 -15.57 -12.13 -4.12
CA ALA A 167 -14.85 -11.21 -5.02
C ALA A 167 -13.56 -10.67 -4.41
N ARG A 168 -13.56 -10.40 -3.11
CA ARG A 168 -12.35 -9.95 -2.42
C ARG A 168 -11.19 -10.94 -2.57
N ASN A 169 -11.51 -12.20 -2.86
CA ASN A 169 -10.51 -13.24 -3.07
C ASN A 169 -10.32 -13.63 -4.54
N ILE A 170 -10.66 -12.70 -5.42
CA ILE A 170 -10.38 -12.83 -6.84
C ILE A 170 -9.44 -11.69 -7.25
N LEU A 171 -8.31 -12.04 -7.86
CA LEU A 171 -7.33 -11.03 -8.28
C LEU A 171 -7.33 -10.85 -9.80
N LEU A 172 -7.07 -9.62 -10.25
CA LEU A 172 -7.12 -9.32 -11.68
C LEU A 172 -5.76 -8.93 -12.28
N SER A 173 -5.41 -9.59 -13.37
CA SER A 173 -4.14 -9.37 -14.05
C SER A 173 -4.37 -8.72 -15.43
N GLU A 174 -3.33 -8.73 -16.26
CA GLU A 174 -3.42 -8.20 -17.62
C GLU A 174 -4.45 -8.95 -18.42
N LYS A 175 -4.97 -8.30 -19.46
CA LYS A 175 -5.86 -8.91 -20.45
C LYS A 175 -7.03 -9.66 -19.82
N ASN A 176 -7.64 -9.04 -18.82
CA ASN A 176 -8.83 -9.57 -18.13
C ASN A 176 -8.75 -11.02 -17.69
N VAL A 177 -7.59 -11.39 -17.16
CA VAL A 177 -7.42 -12.71 -16.59
C VAL A 177 -7.57 -12.60 -15.09
N VAL A 178 -8.51 -13.39 -14.54
CA VAL A 178 -8.76 -13.41 -13.11
C VAL A 178 -8.19 -14.65 -12.42
N LYS A 179 -7.73 -14.49 -11.18
CA LYS A 179 -7.16 -15.60 -10.42
C LYS A 179 -7.80 -15.79 -9.07
N ILE A 180 -8.08 -17.04 -8.74
CA ILE A 180 -8.63 -17.41 -7.44
C ILE A 180 -7.50 -17.47 -6.44
N CYS A 181 -7.68 -16.82 -5.30
CA CYS A 181 -6.70 -16.84 -4.24
C CYS A 181 -7.38 -16.84 -2.89
N ASP A 182 -6.58 -16.72 -1.82
CA ASP A 182 -7.11 -16.61 -0.47
C ASP A 182 -6.24 -15.72 0.41
N PHE A 183 -6.83 -14.64 0.90
CA PHE A 183 -6.11 -13.67 1.73
C PHE A 183 -6.15 -13.98 3.23
N LEU A 203 -18.48 -9.14 6.47
CA LEU A 203 -18.39 -10.31 7.32
C LEU A 203 -18.62 -11.58 6.49
N PRO A 204 -17.70 -12.57 6.60
CA PRO A 204 -17.73 -13.86 5.90
C PRO A 204 -19.07 -14.61 5.86
N LEU A 205 -19.94 -14.42 6.86
CA LEU A 205 -21.25 -15.09 6.87
C LEU A 205 -22.05 -14.85 5.60
N LYS A 206 -21.88 -13.66 5.01
CA LYS A 206 -22.64 -13.25 3.84
C LYS A 206 -22.36 -14.09 2.58
N TRP A 207 -21.36 -14.96 2.67
CA TRP A 207 -21.00 -15.83 1.57
C TRP A 207 -21.23 -17.30 1.91
N MET A 208 -21.51 -17.56 3.18
CA MET A 208 -21.64 -18.93 3.66
C MET A 208 -22.99 -19.52 3.32
N ALA A 209 -22.96 -20.78 2.89
CA ALA A 209 -24.17 -21.59 2.64
C ALA A 209 -24.92 -21.87 3.95
N PRO A 210 -26.26 -22.00 3.88
CA PRO A 210 -27.07 -22.31 5.06
C PRO A 210 -26.48 -23.43 5.91
N GLU A 211 -26.14 -24.55 5.28
CA GLU A 211 -25.56 -25.70 6.00
C GLU A 211 -24.20 -25.38 6.62
N THR A 212 -23.43 -24.50 5.99
CA THR A 212 -22.16 -24.05 6.55
C THR A 212 -22.40 -23.20 7.80
N ILE A 213 -23.49 -22.44 7.81
CA ILE A 213 -23.83 -21.61 8.96
C ILE A 213 -24.40 -22.45 10.11
N PHE A 214 -25.34 -23.34 9.79
CA PHE A 214 -26.09 -24.04 10.83
C PHE A 214 -25.48 -25.37 11.24
N ASP A 215 -24.80 -26.04 10.31
CA ASP A 215 -24.19 -27.33 10.59
C ASP A 215 -22.67 -27.26 10.68
N ARG A 216 -22.09 -26.18 10.16
CA ARG A 216 -20.63 -25.98 10.15
C ARG A 216 -19.99 -27.02 9.19
N VAL A 217 -20.67 -27.24 8.08
CA VAL A 217 -20.27 -28.17 7.02
C VAL A 217 -19.66 -27.38 5.85
N TYR A 218 -18.53 -27.85 5.34
CA TYR A 218 -17.89 -27.23 4.18
C TYR A 218 -17.72 -28.30 3.11
N THR A 219 -18.33 -28.07 1.95
CA THR A 219 -18.26 -29.02 0.85
C THR A 219 -18.03 -28.29 -0.47
N ILE A 220 -17.79 -29.06 -1.53
CA ILE A 220 -17.75 -28.52 -2.88
C ILE A 220 -19.04 -27.75 -3.19
N GLN A 221 -20.17 -28.28 -2.72
CA GLN A 221 -21.47 -27.68 -3.01
C GLN A 221 -21.73 -26.37 -2.25
N SER A 222 -21.10 -26.23 -1.08
CA SER A 222 -21.18 -24.96 -0.35
C SER A 222 -20.29 -23.90 -1.02
N ASP A 223 -19.23 -24.35 -1.68
CA ASP A 223 -18.45 -23.46 -2.54
C ASP A 223 -19.29 -22.97 -3.73
N VAL A 224 -20.20 -23.81 -4.20
CA VAL A 224 -21.11 -23.42 -5.28
C VAL A 224 -22.07 -22.32 -4.82
N TRP A 225 -22.54 -22.40 -3.58
CA TRP A 225 -23.35 -21.35 -2.98
C TRP A 225 -22.59 -20.03 -3.05
N SER A 226 -21.36 -20.04 -2.53
CA SER A 226 -20.52 -18.85 -2.49
C SER A 226 -20.28 -18.25 -3.87
N PHE A 227 -20.09 -19.12 -4.87
CA PHE A 227 -19.94 -18.71 -6.26
C PHE A 227 -21.14 -17.89 -6.73
N GLY A 228 -22.33 -18.32 -6.31
CA GLY A 228 -23.57 -17.59 -6.61
C GLY A 228 -23.52 -16.19 -6.04
N VAL A 229 -22.99 -16.07 -4.82
CA VAL A 229 -22.83 -14.76 -4.16
C VAL A 229 -21.74 -13.95 -4.87
N LEU A 230 -20.71 -14.65 -5.35
CA LEU A 230 -19.68 -14.02 -6.15
C LEU A 230 -20.29 -13.49 -7.45
N LEU A 231 -21.15 -14.29 -8.08
CA LEU A 231 -21.83 -13.87 -9.30
C LEU A 231 -22.57 -12.57 -9.08
N TRP A 232 -23.27 -12.49 -7.95
CA TRP A 232 -24.01 -11.30 -7.58
C TRP A 232 -23.09 -10.09 -7.44
N GLU A 233 -21.90 -10.29 -6.89
CA GLU A 233 -20.91 -9.22 -6.76
C GLU A 233 -20.44 -8.73 -8.12
N ILE A 234 -20.16 -9.68 -9.03
CA ILE A 234 -19.71 -9.35 -10.38
C ILE A 234 -20.76 -8.54 -11.13
N PHE A 235 -22.00 -8.98 -11.10
CA PHE A 235 -23.08 -8.31 -11.83
C PHE A 235 -23.80 -7.23 -11.02
N SER A 236 -23.15 -6.76 -9.96
CA SER A 236 -23.58 -5.56 -9.25
C SER A 236 -22.44 -4.55 -9.28
N LEU A 237 -21.36 -4.92 -9.95
CA LEU A 237 -20.11 -4.14 -10.02
C LEU A 237 -19.52 -3.81 -8.65
N GLY A 238 -19.25 -4.86 -7.88
CA GLY A 238 -18.54 -4.74 -6.61
C GLY A 238 -19.34 -4.25 -5.43
N ALA A 239 -20.66 -4.44 -5.46
CA ALA A 239 -21.52 -4.07 -4.35
C ALA A 239 -21.36 -5.07 -3.21
N SER A 240 -21.68 -4.61 -2.00
CA SER A 240 -21.66 -5.47 -0.83
C SER A 240 -22.96 -6.28 -0.80
N PRO A 241 -22.87 -7.62 -0.78
CA PRO A 241 -24.04 -8.52 -0.76
C PRO A 241 -24.99 -8.23 0.39
N TYR A 242 -26.29 -8.40 0.14
CA TYR A 242 -27.35 -8.15 1.12
C TYR A 242 -27.32 -6.70 1.60
N PRO A 243 -27.61 -5.75 0.68
CA PRO A 243 -27.46 -4.32 0.97
C PRO A 243 -28.51 -3.83 1.95
N GLY A 244 -28.05 -3.18 3.02
CA GLY A 244 -28.94 -2.61 4.04
C GLY A 244 -29.27 -3.55 5.19
N VAL A 245 -29.28 -4.85 4.89
CA VAL A 245 -29.71 -5.91 5.81
C VAL A 245 -28.77 -6.10 7.01
N LYS A 246 -29.35 -6.14 8.21
CA LYS A 246 -28.61 -6.44 9.44
C LYS A 246 -28.19 -7.91 9.40
N ILE A 247 -26.92 -8.17 9.71
CA ILE A 247 -26.42 -9.55 9.72
C ILE A 247 -26.45 -10.10 11.15
N ASP A 248 -27.66 -10.51 11.57
CA ASP A 248 -27.90 -11.10 12.87
C ASP A 248 -28.50 -12.48 12.70
N GLU A 249 -29.18 -12.96 13.74
CA GLU A 249 -29.78 -14.30 13.74
C GLU A 249 -31.09 -14.34 12.96
N GLU A 250 -31.67 -13.16 12.73
CA GLU A 250 -32.86 -13.03 11.89
C GLU A 250 -32.48 -13.19 10.41
N PHE A 251 -31.30 -12.69 10.04
CA PHE A 251 -30.74 -12.88 8.71
C PHE A 251 -30.60 -14.36 8.38
N CYS A 252 -29.98 -15.10 9.29
CA CYS A 252 -29.74 -16.53 9.15
C CYS A 252 -31.02 -17.35 8.98
N ARG A 253 -32.04 -17.02 9.78
CA ARG A 253 -33.32 -17.72 9.72
C ARG A 253 -33.92 -17.62 8.31
N ARG A 254 -33.98 -16.40 7.77
CA ARG A 254 -34.54 -16.16 6.43
C ARG A 254 -33.76 -16.83 5.31
N LEU A 255 -32.44 -16.93 5.45
CA LEU A 255 -31.61 -17.63 4.49
C LEU A 255 -31.95 -19.13 4.47
N LYS A 256 -32.10 -19.72 5.65
CA LYS A 256 -32.49 -21.12 5.78
C LYS A 256 -33.89 -21.35 5.20
N GLU A 257 -34.75 -20.34 5.31
CA GLU A 257 -36.14 -20.46 4.89
C GLU A 257 -36.38 -20.18 3.42
N GLY A 258 -35.36 -19.69 2.72
CA GLY A 258 -35.43 -19.55 1.27
C GLY A 258 -35.42 -18.15 0.70
N THR A 259 -35.30 -17.14 1.57
CA THR A 259 -35.17 -15.75 1.14
C THR A 259 -33.83 -15.55 0.41
N ARG A 260 -33.88 -14.87 -0.74
CA ARG A 260 -32.71 -14.63 -1.58
C ARG A 260 -32.56 -13.16 -1.93
N MET A 261 -31.35 -12.75 -2.27
CA MET A 261 -31.08 -11.41 -2.79
C MET A 261 -31.87 -11.16 -4.07
N ARG A 262 -32.25 -9.91 -4.31
CA ARG A 262 -32.89 -9.52 -5.56
C ARG A 262 -31.81 -9.30 -6.61
N ALA A 263 -32.20 -9.37 -7.88
CA ALA A 263 -31.27 -9.24 -9.01
C ALA A 263 -30.46 -7.96 -8.94
N PRO A 264 -29.14 -8.06 -9.18
CA PRO A 264 -28.30 -6.86 -9.14
C PRO A 264 -28.46 -6.03 -10.42
N ASP A 265 -28.09 -4.75 -10.36
CA ASP A 265 -28.35 -3.78 -11.44
C ASP A 265 -27.76 -4.11 -12.82
N TYR A 266 -26.70 -4.92 -12.85
CA TYR A 266 -25.99 -5.20 -14.11
C TYR A 266 -26.21 -6.62 -14.62
N THR A 267 -27.21 -7.30 -14.09
CA THR A 267 -27.43 -8.72 -14.41
C THR A 267 -28.19 -8.95 -15.72
N THR A 268 -28.03 -10.14 -16.27
CA THR A 268 -28.89 -10.63 -17.34
C THR A 268 -29.81 -11.69 -16.72
N PRO A 269 -31.05 -11.85 -17.24
CA PRO A 269 -32.00 -12.81 -16.65
C PRO A 269 -31.40 -14.21 -16.40
N GLU A 270 -30.68 -14.74 -17.38
CA GLU A 270 -30.05 -16.07 -17.23
C GLU A 270 -29.05 -16.10 -16.09
N MET A 271 -28.28 -15.01 -15.97
CA MET A 271 -27.29 -14.89 -14.93
C MET A 271 -27.91 -14.93 -13.55
N TYR A 272 -29.03 -14.21 -13.38
CA TYR A 272 -29.69 -14.17 -12.10
C TYR A 272 -30.30 -15.52 -11.72
N GLN A 273 -30.81 -16.24 -12.71
CA GLN A 273 -31.31 -17.60 -12.51
C GLN A 273 -30.15 -18.53 -12.11
N THR A 274 -28.98 -18.32 -12.71
CA THR A 274 -27.78 -19.07 -12.32
C THR A 274 -27.43 -18.80 -10.85
N MET A 275 -27.61 -17.56 -10.41
CA MET A 275 -27.43 -17.22 -9.01
C MET A 275 -28.47 -17.95 -8.16
N LEU A 276 -29.71 -18.02 -8.65
CA LEU A 276 -30.77 -18.72 -7.91
C LEU A 276 -30.51 -20.22 -7.86
N ASP A 277 -29.96 -20.78 -8.94
CA ASP A 277 -29.58 -22.19 -9.00
C ASP A 277 -28.52 -22.51 -7.96
N CYS A 278 -27.50 -21.65 -7.88
CA CYS A 278 -26.40 -21.81 -6.92
C CYS A 278 -26.89 -21.70 -5.48
N TRP A 279 -28.00 -21.01 -5.29
CA TRP A 279 -28.54 -20.78 -3.95
C TRP A 279 -29.66 -21.74 -3.58
N HIS A 280 -29.62 -22.94 -4.15
CA HIS A 280 -30.62 -23.94 -3.84
C HIS A 280 -30.47 -24.39 -2.37
N GLY A 281 -31.61 -24.62 -1.71
CA GLY A 281 -31.63 -25.02 -0.32
C GLY A 281 -30.98 -26.38 -0.09
N GLU A 282 -31.25 -27.30 -1.00
CA GLU A 282 -30.63 -28.62 -0.98
C GLU A 282 -29.30 -28.57 -1.72
N PRO A 283 -28.19 -28.82 -0.99
CA PRO A 283 -26.85 -28.74 -1.57
C PRO A 283 -26.68 -29.61 -2.80
N SER A 284 -27.32 -30.78 -2.81
CA SER A 284 -27.22 -31.71 -3.93
C SER A 284 -28.01 -31.24 -5.16
N GLN A 285 -28.90 -30.28 -4.99
CA GLN A 285 -29.67 -29.75 -6.11
C GLN A 285 -28.95 -28.63 -6.82
N ARG A 286 -27.96 -28.04 -6.16
CA ARG A 286 -27.12 -27.00 -6.75
C ARG A 286 -26.33 -27.57 -7.94
N PRO A 287 -26.10 -26.74 -8.99
CA PRO A 287 -25.27 -27.23 -10.08
C PRO A 287 -23.85 -27.52 -9.63
N THR A 288 -23.15 -28.39 -10.35
CA THR A 288 -21.73 -28.62 -10.12
C THR A 288 -20.93 -27.55 -10.84
N PHE A 289 -19.65 -27.41 -10.51
CA PHE A 289 -18.79 -26.48 -11.21
C PHE A 289 -18.62 -26.83 -12.70
N SER A 290 -18.60 -28.13 -13.03
CA SER A 290 -18.59 -28.56 -14.44
C SER A 290 -19.80 -28.06 -15.21
N GLU A 291 -20.96 -28.09 -14.57
CA GLU A 291 -22.18 -27.61 -15.20
C GLU A 291 -22.16 -26.10 -15.36
N LEU A 292 -21.66 -25.39 -14.35
CA LEU A 292 -21.51 -23.93 -14.41
C LEU A 292 -20.54 -23.49 -15.51
N VAL A 293 -19.42 -24.20 -15.65
CA VAL A 293 -18.47 -23.94 -16.73
C VAL A 293 -19.19 -24.07 -18.07
N GLU A 294 -19.87 -25.18 -18.27
CA GLU A 294 -20.65 -25.44 -19.49
C GLU A 294 -21.67 -24.32 -19.77
N HIS A 295 -22.47 -23.98 -18.76
CA HIS A 295 -23.56 -23.01 -18.90
C HIS A 295 -23.08 -21.59 -19.20
N LEU A 296 -22.08 -21.12 -18.46
CA LEU A 296 -21.55 -19.77 -18.62
C LEU A 296 -20.75 -19.62 -19.91
N GLY A 297 -20.15 -20.72 -20.36
CA GLY A 297 -19.49 -20.75 -21.66
C GLY A 297 -20.50 -20.46 -22.75
N ASN A 298 -21.66 -21.10 -22.65
CA ASN A 298 -22.79 -20.87 -23.57
C ASN A 298 -23.35 -19.46 -23.48
N LEU A 299 -23.41 -18.93 -22.26
CA LEU A 299 -23.87 -17.56 -22.06
C LEU A 299 -22.88 -16.54 -22.61
N LEU A 300 -21.60 -16.87 -22.50
CA LEU A 300 -20.54 -16.03 -23.07
C LEU A 300 -20.58 -16.01 -24.62
N GLN A 301 -20.87 -17.16 -25.24
CA GLN A 301 -20.95 -17.25 -26.70
C GLN A 301 -22.19 -16.53 -27.23
N ALA A 302 -23.33 -16.75 -26.58
CA ALA A 302 -24.58 -16.10 -26.94
C ALA A 302 -24.41 -14.58 -26.91
N ASN A 303 -23.81 -14.08 -25.84
CA ASN A 303 -23.54 -12.66 -25.67
C ASN A 303 -22.62 -12.11 -26.75
N ALA A 304 -21.61 -12.91 -27.11
CA ALA A 304 -20.65 -12.54 -28.15
C ALA A 304 -21.33 -12.44 -29.51
N GLN A 305 -22.13 -13.46 -29.86
CA GLN A 305 -22.88 -13.46 -31.10
C GLN A 305 -23.78 -12.22 -31.17
N GLN A 306 -24.60 -12.04 -30.13
CA GLN A 306 -25.44 -10.85 -29.98
C GLN A 306 -24.67 -9.56 -30.27
N ASP A 307 -23.51 -9.39 -29.62
CA ASP A 307 -22.66 -8.20 -29.82
C ASP A 307 -22.15 -8.05 -31.25
N ARG A 308 -21.85 -9.16 -31.92
CA ARG A 308 -21.45 -9.13 -33.32
C ARG A 308 -22.55 -8.51 -34.17
N HIS A 309 -23.80 -8.90 -33.92
CA HIS A 309 -24.94 -8.30 -34.58
C HIS A 309 -25.12 -6.84 -34.22
N HIS A 310 -24.97 -6.52 -32.93
CA HIS A 310 -25.05 -5.15 -32.46
C HIS A 310 -24.04 -4.28 -33.18
N HIS A 311 -22.80 -4.78 -33.25
CA HIS A 311 -21.68 -4.08 -33.86
C HIS A 311 -21.86 -3.89 -35.36
N HIS A 312 -22.28 -4.96 -36.03
CA HIS A 312 -22.42 -5.00 -37.49
C HIS A 312 -23.59 -4.15 -38.01
N HIS A 313 -24.67 -4.06 -37.24
CA HIS A 313 -25.85 -3.29 -37.67
C HIS A 313 -25.74 -1.78 -37.41
N HIS A 314 -24.78 -1.36 -36.60
CA HIS A 314 -24.69 0.04 -36.18
C HIS A 314 -23.27 0.59 -36.24
N LEU B 6 27.07 9.29 25.10
CA LEU B 6 26.13 8.32 24.47
C LEU B 6 26.91 7.14 23.87
N PRO B 7 26.45 5.90 24.10
CA PRO B 7 27.19 4.70 23.67
C PRO B 7 26.82 4.14 22.29
N TYR B 8 27.58 3.14 21.84
CA TYR B 8 27.33 2.45 20.59
C TYR B 8 27.21 0.94 20.83
N ASP B 9 26.01 0.41 20.59
CA ASP B 9 25.74 -0.99 20.80
C ASP B 9 26.01 -1.78 19.51
N ALA B 10 27.27 -2.21 19.36
CA ALA B 10 27.73 -2.87 18.13
C ALA B 10 27.08 -4.23 17.89
N SER B 11 26.62 -4.87 18.97
CA SER B 11 25.88 -6.11 18.85
C SER B 11 24.54 -5.90 18.14
N LYS B 12 24.02 -4.68 18.24
CA LYS B 12 22.72 -4.34 17.64
C LYS B 12 22.84 -3.64 16.29
N TRP B 13 23.78 -2.70 16.16
CA TRP B 13 23.79 -1.77 15.02
C TRP B 13 24.86 -1.98 13.95
N GLU B 14 25.93 -2.69 14.27
CA GLU B 14 27.05 -2.86 13.32
C GLU B 14 26.67 -3.77 12.15
N PHE B 15 26.99 -3.32 10.94
CA PHE B 15 26.68 -4.05 9.72
C PHE B 15 27.92 -4.22 8.86
N PRO B 16 28.24 -5.46 8.47
CA PRO B 16 29.41 -5.78 7.65
C PRO B 16 29.47 -4.98 6.34
N ARG B 17 30.65 -4.45 6.04
CA ARG B 17 30.86 -3.58 4.88
C ARG B 17 30.71 -4.28 3.52
N ASP B 18 31.01 -5.57 3.47
CA ASP B 18 30.94 -6.31 2.19
C ASP B 18 29.58 -6.93 1.93
N ARG B 19 28.65 -6.73 2.87
CA ARG B 19 27.25 -7.06 2.68
C ARG B 19 26.47 -5.82 2.23
N LEU B 20 27.23 -4.83 1.76
CA LEU B 20 26.69 -3.55 1.34
C LEU B 20 27.28 -3.22 -0.03
N LYS B 21 26.40 -3.00 -1.01
CA LYS B 21 26.82 -2.66 -2.36
C LYS B 21 26.47 -1.21 -2.68
N LEU B 22 27.50 -0.37 -2.79
CA LEU B 22 27.32 1.06 -3.03
C LEU B 22 27.04 1.36 -4.49
N GLY B 23 26.01 2.16 -4.74
CA GLY B 23 25.63 2.54 -6.11
C GLY B 23 25.68 4.04 -6.34
N LYS B 24 24.70 4.54 -7.11
CA LYS B 24 24.63 5.95 -7.49
C LYS B 24 24.39 6.87 -6.29
N PRO B 25 24.92 8.13 -6.35
CA PRO B 25 24.77 9.06 -5.22
C PRO B 25 23.42 9.80 -5.24
N LEU B 26 23.13 10.54 -4.17
CA LEU B 26 21.86 11.23 -4.03
C LEU B 26 22.03 12.70 -3.63
N GLY B 32 28.67 14.90 4.10
CA GLY B 32 29.54 14.37 3.05
C GLY B 32 28.75 13.86 1.86
N GLN B 33 28.55 12.55 1.81
CA GLN B 33 27.87 11.90 0.69
C GLN B 33 26.75 10.99 1.13
N VAL B 34 25.57 11.18 0.53
CA VAL B 34 24.47 10.24 0.69
C VAL B 34 24.39 9.38 -0.58
N ILE B 35 24.58 8.08 -0.41
CA ILE B 35 24.64 7.16 -1.53
C ILE B 35 23.61 6.03 -1.39
N GLU B 36 23.04 5.63 -2.52
CA GLU B 36 22.11 4.52 -2.59
C GLU B 36 22.88 3.20 -2.56
N ALA B 37 22.35 2.23 -1.81
CA ALA B 37 23.02 0.94 -1.68
C ALA B 37 22.07 -0.25 -1.56
N ASP B 38 22.56 -1.41 -1.98
CA ASP B 38 21.90 -2.67 -1.68
C ASP B 38 22.54 -3.33 -0.46
N ALA B 39 21.73 -3.54 0.57
CA ALA B 39 22.16 -4.23 1.78
C ALA B 39 21.60 -5.65 1.76
N PHE B 40 22.46 -6.63 2.05
CA PHE B 40 22.04 -8.03 2.04
C PHE B 40 21.88 -8.54 3.47
N GLY B 41 20.64 -8.58 3.94
CA GLY B 41 20.31 -9.06 5.27
C GLY B 41 20.47 -8.03 6.38
N ILE B 42 20.06 -6.79 6.12
CA ILE B 42 20.15 -5.73 7.13
C ILE B 42 19.03 -5.81 8.17
N ASP B 43 17.91 -6.44 7.81
CA ASP B 43 16.82 -6.71 8.76
C ASP B 43 16.59 -8.21 8.85
N LYS B 44 15.57 -8.61 9.59
CA LYS B 44 15.34 -10.03 9.90
C LYS B 44 14.71 -10.85 8.78
N THR B 45 14.31 -10.19 7.69
CA THR B 45 13.75 -10.90 6.54
C THR B 45 14.84 -11.60 5.72
N ALA B 46 16.11 -11.27 6.02
CA ALA B 46 17.29 -11.81 5.32
C ALA B 46 17.28 -11.53 3.81
N THR B 47 16.52 -10.52 3.41
CA THR B 47 16.36 -10.16 2.00
C THR B 47 17.30 -9.03 1.61
N CYS B 48 17.43 -8.82 0.31
CA CYS B 48 18.13 -7.65 -0.23
C CYS B 48 17.23 -6.44 -0.03
N ARG B 49 17.81 -5.30 0.33
CA ARG B 49 17.03 -4.11 0.63
C ARG B 49 17.75 -2.88 0.10
N THR B 50 17.00 -1.99 -0.56
CA THR B 50 17.55 -0.71 -0.98
C THR B 50 17.63 0.18 0.24
N VAL B 51 18.82 0.74 0.48
CA VAL B 51 19.10 1.53 1.67
C VAL B 51 19.85 2.82 1.31
N ALA B 52 19.79 3.79 2.22
CA ALA B 52 20.55 5.02 2.08
C ALA B 52 21.77 5.00 3.00
N VAL B 53 22.94 5.30 2.44
CA VAL B 53 24.18 5.26 3.20
C VAL B 53 24.85 6.62 3.17
N LYS B 54 25.08 7.19 4.36
CA LYS B 54 25.76 8.47 4.50
C LYS B 54 27.19 8.26 4.93
N MET B 55 28.13 8.85 4.20
CA MET B 55 29.55 8.74 4.54
C MET B 55 30.35 10.02 4.28
N LEU B 56 31.58 10.05 4.80
CA LEU B 56 32.51 11.13 4.55
C LEU B 56 33.42 10.75 3.39
N ALA B 60 37.40 15.40 5.58
CA ALA B 60 38.31 14.37 6.07
C ALA B 60 38.63 14.57 7.55
N THR B 61 37.99 15.57 8.15
CA THR B 61 38.26 16.02 9.52
C THR B 61 37.60 15.18 10.62
N HIS B 62 38.27 15.06 11.76
CA HIS B 62 37.73 14.40 12.95
C HIS B 62 36.44 15.08 13.40
N SER B 63 36.38 16.40 13.24
CA SER B 63 35.18 17.18 13.56
C SER B 63 33.99 16.69 12.75
N GLU B 64 34.22 16.42 11.46
CA GLU B 64 33.20 15.87 10.57
C GLU B 64 32.85 14.43 10.93
N HIS B 65 33.87 13.66 11.31
CA HIS B 65 33.68 12.29 11.75
C HIS B 65 32.82 12.24 13.02
N ARG B 66 33.16 13.07 14.00
CA ARG B 66 32.41 13.14 15.24
C ARG B 66 30.99 13.69 15.02
N ALA B 67 30.85 14.60 14.05
CA ALA B 67 29.54 15.12 13.65
C ALA B 67 28.66 14.04 13.02
N LEU B 68 29.27 13.17 12.21
CA LEU B 68 28.56 12.03 11.64
C LEU B 68 28.25 10.96 12.69
N MET B 69 29.19 10.74 13.60
CA MET B 69 28.98 9.83 14.74
C MET B 69 27.87 10.34 15.65
N SER B 70 27.76 11.66 15.79
CA SER B 70 26.71 12.28 16.61
C SER B 70 25.34 12.01 16.00
N GLU B 71 25.24 12.18 14.68
CA GLU B 71 24.03 11.83 13.94
C GLU B 71 23.60 10.41 14.23
N LEU B 72 24.58 9.50 14.28
CA LEU B 72 24.34 8.10 14.60
C LEU B 72 23.77 7.92 16.01
N LYS B 73 24.49 8.45 17.00
CA LYS B 73 24.10 8.30 18.42
C LYS B 73 22.74 8.91 18.71
N ILE B 74 22.50 10.11 18.16
CA ILE B 74 21.23 10.80 18.33
C ILE B 74 20.08 9.96 17.75
N LEU B 75 20.31 9.32 16.61
CA LEU B 75 19.34 8.40 16.01
C LEU B 75 19.06 7.18 16.89
N ILE B 76 20.12 6.65 17.52
CA ILE B 76 19.96 5.54 18.46
C ILE B 76 19.18 6.01 19.69
N HIS B 77 19.61 7.12 20.28
CA HIS B 77 18.94 7.70 21.46
C HIS B 77 17.45 7.99 21.22
N ILE B 78 17.15 8.59 20.08
CA ILE B 78 15.78 8.93 19.68
C ILE B 78 14.88 7.69 19.60
N GLY B 79 15.40 6.60 19.04
CA GLY B 79 14.61 5.39 18.84
C GLY B 79 13.73 5.47 17.61
N HIS B 80 12.92 4.43 17.40
CA HIS B 80 12.11 4.29 16.21
C HIS B 80 10.86 5.17 16.24
N HIS B 81 10.55 5.75 15.08
CA HIS B 81 9.23 6.33 14.80
C HIS B 81 8.99 6.24 13.30
N LEU B 82 7.72 6.01 12.93
CA LEU B 82 7.33 5.93 11.53
C LEU B 82 7.68 7.20 10.74
N ASN B 83 7.63 8.36 11.41
CA ASN B 83 7.79 9.64 10.75
C ASN B 83 9.17 10.29 10.92
N VAL B 84 10.12 9.52 11.43
CA VAL B 84 11.52 9.92 11.44
C VAL B 84 12.33 8.85 10.73
N VAL B 85 13.16 9.26 9.76
CA VAL B 85 13.95 8.33 8.96
C VAL B 85 14.64 7.29 9.83
N ASN B 86 14.38 6.02 9.54
CA ASN B 86 14.77 4.92 10.40
C ASN B 86 16.22 4.50 10.20
N LEU B 87 16.96 4.42 11.30
CA LEU B 87 18.31 3.89 11.28
C LEU B 87 18.25 2.38 11.08
N LEU B 88 19.06 1.86 10.18
CA LEU B 88 19.09 0.41 9.91
C LEU B 88 20.40 -0.24 10.33
N GLY B 89 21.46 0.55 10.38
CA GLY B 89 22.76 0.03 10.77
C GLY B 89 23.88 1.03 10.56
N ALA B 90 25.09 0.60 10.85
CA ALA B 90 26.28 1.44 10.72
C ALA B 90 27.54 0.64 10.51
N CYS B 91 28.53 1.28 9.91
CA CYS B 91 29.86 0.70 9.75
C CYS B 91 30.83 1.59 10.48
N THR B 92 31.30 1.12 11.64
CA THR B 92 32.18 1.93 12.50
C THR B 92 33.57 1.33 12.68
N LYS B 93 33.66 0.00 12.69
CA LYS B 93 34.93 -0.70 12.92
C LYS B 93 35.95 -0.44 11.79
N PRO B 94 37.26 -0.38 12.13
CA PRO B 94 38.30 0.06 11.18
C PRO B 94 38.43 -0.79 9.92
N GLY B 95 39.01 -0.19 8.87
CA GLY B 95 39.19 -0.84 7.57
C GLY B 95 38.09 -0.47 6.61
N GLY B 96 37.92 0.84 6.38
CA GLY B 96 36.83 1.35 5.56
C GLY B 96 36.19 2.59 6.16
N PRO B 97 35.57 3.44 5.30
CA PRO B 97 34.96 4.70 5.74
C PRO B 97 33.75 4.52 6.66
N LEU B 98 33.59 5.44 7.61
CA LEU B 98 32.46 5.43 8.53
C LEU B 98 31.18 5.65 7.74
N MET B 99 30.23 4.74 7.92
CA MET B 99 28.98 4.77 7.17
C MET B 99 27.77 4.69 8.09
N VAL B 100 26.81 5.57 7.86
CA VAL B 100 25.55 5.57 8.58
C VAL B 100 24.44 5.17 7.61
N ILE B 101 23.74 4.08 7.94
CA ILE B 101 22.74 3.51 7.04
C ILE B 101 21.33 3.74 7.54
N THR B 102 20.47 4.25 6.66
CA THR B 102 19.04 4.39 6.96
C THR B 102 18.20 3.75 5.85
N GLU B 103 16.89 3.70 6.09
CA GLU B 103 15.91 3.29 5.08
C GLU B 103 15.98 4.22 3.86
N PHE B 104 15.54 3.73 2.72
CA PHE B 104 15.51 4.49 1.48
C PHE B 104 14.08 4.94 1.19
N CYS B 105 13.91 6.23 0.91
CA CYS B 105 12.60 6.79 0.62
C CYS B 105 12.54 7.12 -0.86
N LYS B 106 11.91 6.23 -1.62
CA LYS B 106 12.03 6.22 -3.09
C LYS B 106 11.53 7.48 -3.79
N PHE B 107 10.63 8.22 -3.16
CA PHE B 107 10.06 9.39 -3.83
C PHE B 107 10.84 10.69 -3.59
N GLY B 108 11.87 10.62 -2.75
CA GLY B 108 12.75 11.76 -2.52
C GLY B 108 12.18 12.82 -1.59
N ASN B 109 12.74 14.02 -1.64
CA ASN B 109 12.29 15.10 -0.77
C ASN B 109 10.94 15.66 -1.19
N LEU B 110 10.16 16.14 -0.21
CA LEU B 110 8.76 16.48 -0.42
C LEU B 110 8.54 17.69 -1.32
N SER B 111 9.48 18.64 -1.30
CA SER B 111 9.37 19.85 -2.10
C SER B 111 9.41 19.53 -3.59
N THR B 112 10.40 18.72 -3.97
CA THR B 112 10.58 18.28 -5.34
C THR B 112 9.38 17.46 -5.78
N TYR B 113 8.91 16.58 -4.90
CA TYR B 113 7.80 15.70 -5.20
C TYR B 113 6.52 16.49 -5.46
N LEU B 114 6.23 17.44 -4.57
CA LEU B 114 5.03 18.26 -4.69
C LEU B 114 5.05 19.12 -5.93
N ARG B 115 6.25 19.54 -6.37
CA ARG B 115 6.38 20.24 -7.64
C ARG B 115 5.97 19.36 -8.80
N SER B 116 6.40 18.09 -8.75
CA SER B 116 6.13 17.15 -9.84
C SER B 116 4.64 16.83 -9.96
N LYS B 117 3.93 16.92 -8.85
CA LYS B 117 2.50 16.62 -8.82
C LYS B 117 1.60 17.84 -9.03
N ARG B 118 2.20 19.00 -9.33
CA ARG B 118 1.45 20.23 -9.59
C ARG B 118 0.28 20.01 -10.57
N ASN B 119 0.59 19.47 -11.74
CA ASN B 119 -0.39 19.27 -12.79
C ASN B 119 -1.17 17.94 -12.68
N GLU B 120 -1.07 17.31 -11.51
CA GLU B 120 -1.80 16.07 -11.23
C GLU B 120 -2.44 16.16 -9.85
N PHE B 121 -3.03 17.32 -9.56
CA PHE B 121 -3.62 17.60 -8.26
C PHE B 121 -5.11 17.89 -8.34
N VAL B 122 -5.85 17.42 -7.35
CA VAL B 122 -7.27 17.74 -7.20
C VAL B 122 -7.58 18.09 -5.74
N PRO B 123 -8.30 19.21 -5.51
CA PRO B 123 -8.67 19.60 -4.14
C PRO B 123 -9.64 18.61 -3.51
N TYR B 124 -10.71 18.29 -4.23
CA TYR B 124 -11.74 17.33 -3.80
C TYR B 124 -11.22 15.88 -3.72
N LYS B 125 -12.12 14.95 -3.43
CA LYS B 125 -11.77 13.53 -3.29
C LYS B 125 -11.16 12.92 -4.57
N LYS B 133 -5.32 5.78 -10.36
CA LYS B 133 -4.63 6.69 -11.26
C LYS B 133 -3.68 7.64 -10.52
N ASP B 134 -3.67 7.54 -9.19
CA ASP B 134 -2.64 8.14 -8.33
C ASP B 134 -2.61 9.68 -8.31
N PHE B 135 -3.79 10.29 -8.26
CA PHE B 135 -3.88 11.75 -8.09
C PHE B 135 -3.49 12.14 -6.68
N LEU B 136 -2.67 13.18 -6.57
CA LEU B 136 -2.41 13.82 -5.30
C LEU B 136 -3.63 14.68 -4.97
N THR B 137 -4.04 14.66 -3.71
CA THR B 137 -5.25 15.36 -3.29
C THR B 137 -4.98 16.27 -2.09
N LEU B 138 -6.00 17.03 -1.69
CA LEU B 138 -5.93 17.89 -0.52
C LEU B 138 -5.72 17.07 0.76
N GLU B 139 -6.35 15.89 0.81
CA GLU B 139 -6.24 15.02 1.97
C GLU B 139 -4.81 14.54 2.22
N HIS B 140 -4.05 14.34 1.15
CA HIS B 140 -2.64 13.97 1.27
C HIS B 140 -1.82 15.08 1.95
N LEU B 141 -2.08 16.33 1.56
CA LEU B 141 -1.38 17.48 2.12
C LEU B 141 -1.61 17.59 3.63
N ILE B 142 -2.87 17.46 4.04
CA ILE B 142 -3.22 17.46 5.46
C ILE B 142 -2.54 16.28 6.16
N CYS B 143 -2.51 15.13 5.50
CA CYS B 143 -1.90 13.93 6.05
C CYS B 143 -0.40 14.10 6.27
N TYR B 144 0.31 14.66 5.27
CA TYR B 144 1.74 14.91 5.39
C TYR B 144 2.02 15.81 6.57
N SER B 145 1.23 16.88 6.70
CA SER B 145 1.32 17.85 7.78
C SER B 145 1.11 17.18 9.12
N PHE B 146 0.11 16.30 9.18
CA PHE B 146 -0.20 15.52 10.37
C PHE B 146 1.00 14.67 10.79
N GLN B 147 1.54 13.93 9.81
CA GLN B 147 2.65 13.02 10.06
C GLN B 147 3.91 13.75 10.52
N VAL B 148 4.18 14.91 9.93
CA VAL B 148 5.35 15.71 10.31
C VAL B 148 5.15 16.29 11.70
N ALA B 149 3.92 16.69 12.02
CA ALA B 149 3.59 17.10 13.39
C ALA B 149 3.80 15.94 14.37
N LYS B 150 3.32 14.75 14.02
CA LYS B 150 3.53 13.55 14.85
C LYS B 150 5.02 13.34 15.13
N GLY B 151 5.81 13.22 14.06
CA GLY B 151 7.24 13.00 14.17
C GLY B 151 7.97 14.05 14.99
N MET B 152 7.63 15.31 14.77
CA MET B 152 8.23 16.41 15.50
C MET B 152 7.88 16.40 16.99
N GLU B 153 6.65 16.00 17.30
CA GLU B 153 6.23 15.85 18.69
C GLU B 153 7.03 14.74 19.36
N PHE B 154 7.21 13.65 18.62
CA PHE B 154 8.06 12.56 19.06
C PHE B 154 9.46 13.09 19.41
N LEU B 155 10.08 13.79 18.46
CA LEU B 155 11.43 14.36 18.66
C LEU B 155 11.50 15.27 19.88
N ALA B 156 10.47 16.08 20.09
CA ALA B 156 10.39 16.98 21.25
C ALA B 156 10.35 16.19 22.55
N SER B 157 9.59 15.10 22.56
CA SER B 157 9.49 14.22 23.74
C SER B 157 10.81 13.52 24.07
N ARG B 158 11.76 13.55 23.14
CA ARG B 158 13.11 13.03 23.36
C ARG B 158 14.07 14.17 23.65
N LYS B 159 13.54 15.38 23.73
CA LYS B 159 14.32 16.60 23.93
C LYS B 159 15.25 16.88 22.73
N CYS B 160 14.70 16.68 21.54
CA CYS B 160 15.40 16.96 20.29
C CYS B 160 14.79 18.13 19.56
N ILE B 161 15.63 19.11 19.24
CA ILE B 161 15.26 20.22 18.38
C ILE B 161 15.78 19.89 16.98
N HIS B 162 15.04 20.29 15.95
CA HIS B 162 15.47 20.00 14.58
C HIS B 162 16.45 21.05 14.02
N ARG B 163 16.10 22.32 14.19
CA ARG B 163 16.89 23.49 13.73
C ARG B 163 16.70 23.88 12.26
N ASP B 164 16.26 22.93 11.44
CA ASP B 164 16.20 23.11 9.98
C ASP B 164 14.99 22.43 9.35
N LEU B 165 13.85 22.50 10.06
CA LEU B 165 12.63 21.84 9.62
C LEU B 165 12.10 22.48 8.35
N ALA B 166 12.41 21.87 7.22
CA ALA B 166 12.02 22.36 5.91
C ALA B 166 11.59 21.18 5.04
N ALA B 167 10.85 21.46 3.97
CA ALA B 167 10.37 20.43 3.03
C ALA B 167 11.49 19.63 2.35
N ARG B 168 12.66 20.24 2.21
CA ARG B 168 13.83 19.55 1.65
C ARG B 168 14.36 18.48 2.61
N ASN B 169 14.00 18.62 3.88
CA ASN B 169 14.37 17.66 4.91
C ASN B 169 13.22 16.71 5.24
N ILE B 170 12.19 16.69 4.38
CA ILE B 170 11.09 15.75 4.53
C ILE B 170 11.11 14.77 3.37
N LEU B 171 11.29 13.49 3.68
CA LEU B 171 11.37 12.45 2.67
C LEU B 171 10.05 11.68 2.55
N LEU B 172 9.76 11.21 1.34
CA LEU B 172 8.52 10.46 1.08
C LEU B 172 8.78 9.00 0.69
N SER B 173 8.05 8.09 1.35
CA SER B 173 8.13 6.66 1.05
C SER B 173 6.90 6.13 0.31
N GLU B 174 6.78 4.81 0.24
CA GLU B 174 5.57 4.14 -0.27
C GLU B 174 4.39 4.40 0.67
N LYS B 175 3.18 4.23 0.14
CA LYS B 175 1.93 4.36 0.91
C LYS B 175 1.72 5.72 1.60
N ASN B 176 2.23 6.78 0.96
CA ASN B 176 2.08 8.16 1.44
C ASN B 176 2.68 8.50 2.81
N VAL B 177 3.69 7.74 3.22
CA VAL B 177 4.34 7.97 4.51
C VAL B 177 5.52 8.92 4.36
N VAL B 178 5.46 10.03 5.10
CA VAL B 178 6.56 11.01 5.12
C VAL B 178 7.48 10.84 6.32
N LYS B 179 8.75 11.19 6.14
CA LYS B 179 9.74 10.99 7.16
C LYS B 179 10.60 12.23 7.34
N ILE B 180 10.81 12.61 8.60
CA ILE B 180 11.67 13.74 8.92
C ILE B 180 13.13 13.29 8.87
N CYS B 181 13.97 14.12 8.25
CA CYS B 181 15.40 13.87 8.19
C CYS B 181 16.17 15.19 8.23
N ASP B 182 17.49 15.13 8.04
CA ASP B 182 18.34 16.31 8.01
C ASP B 182 19.53 16.08 7.07
N PHE B 183 19.68 16.94 6.07
CA PHE B 183 20.79 16.81 5.10
C PHE B 183 22.06 17.57 5.50
N GLY B 184 21.94 18.87 5.74
CA GLY B 184 23.08 19.70 6.15
C GLY B 184 23.00 21.14 5.67
N LEU B 203 19.73 31.67 2.73
CA LEU B 203 18.56 30.91 2.30
C LEU B 203 17.81 30.23 3.46
N PRO B 204 18.52 29.50 4.36
CA PRO B 204 17.84 28.83 5.48
C PRO B 204 17.19 29.82 6.45
N LEU B 205 17.56 31.09 6.32
CA LEU B 205 16.97 32.17 7.10
C LEU B 205 15.47 32.30 6.87
N LYS B 206 15.02 31.92 5.68
CA LYS B 206 13.59 31.90 5.33
C LYS B 206 12.77 30.93 6.19
N TRP B 207 13.45 30.03 6.89
CA TRP B 207 12.79 29.05 7.75
C TRP B 207 12.96 29.35 9.24
N MET B 208 13.83 30.31 9.56
CA MET B 208 14.16 30.62 10.95
C MET B 208 13.18 31.60 11.55
N ALA B 209 12.91 31.43 12.84
CA ALA B 209 12.09 32.35 13.62
C ALA B 209 12.88 33.63 13.91
N PRO B 210 12.17 34.75 14.17
CA PRO B 210 12.81 36.02 14.55
C PRO B 210 13.88 35.88 15.64
N GLU B 211 13.51 35.30 16.78
CA GLU B 211 14.44 35.13 17.90
C GLU B 211 15.67 34.29 17.52
N THR B 212 15.53 33.45 16.50
CA THR B 212 16.61 32.58 16.07
C THR B 212 17.60 33.32 15.18
N ILE B 213 17.08 34.16 14.28
CA ILE B 213 17.91 34.93 13.36
C ILE B 213 18.88 35.86 14.10
N PHE B 214 18.38 36.53 15.13
CA PHE B 214 19.18 37.47 15.91
C PHE B 214 19.99 36.78 17.01
N ASP B 215 19.32 36.02 17.86
CA ASP B 215 19.94 35.45 19.07
C ASP B 215 20.78 34.20 18.80
N ARG B 216 20.48 33.50 17.70
CA ARG B 216 21.09 32.19 17.39
C ARG B 216 20.65 31.11 18.39
N VAL B 217 19.51 31.36 19.03
CA VAL B 217 18.92 30.45 20.00
C VAL B 217 17.90 29.54 19.31
N TYR B 218 18.20 28.25 19.25
CA TYR B 218 17.31 27.25 18.66
C TYR B 218 16.51 26.55 19.75
N THR B 219 15.19 26.58 19.62
CA THR B 219 14.31 25.91 20.59
C THR B 219 13.19 25.15 19.87
N ILE B 220 12.40 24.41 20.65
CA ILE B 220 11.22 23.71 20.16
C ILE B 220 10.21 24.72 19.59
N GLN B 221 10.12 25.89 20.22
CA GLN B 221 9.24 26.96 19.76
C GLN B 221 9.68 27.51 18.40
N SER B 222 10.98 27.54 18.16
CA SER B 222 11.53 27.97 16.86
C SER B 222 11.36 26.90 15.77
N ASP B 223 11.16 25.64 16.18
CA ASP B 223 10.80 24.58 15.26
C ASP B 223 9.35 24.72 14.78
N VAL B 224 8.46 25.17 15.67
CA VAL B 224 7.06 25.39 15.32
C VAL B 224 6.91 26.51 14.28
N TRP B 225 7.75 27.53 14.36
CA TRP B 225 7.83 28.56 13.33
C TRP B 225 8.17 27.91 11.99
N SER B 226 9.23 27.11 11.97
CA SER B 226 9.68 26.39 10.77
C SER B 226 8.57 25.51 10.22
N PHE B 227 7.83 24.83 11.11
CA PHE B 227 6.72 23.98 10.72
C PHE B 227 5.65 24.77 9.94
N GLY B 228 5.55 26.05 10.25
CA GLY B 228 4.66 26.96 9.54
C GLY B 228 5.12 27.20 8.12
N VAL B 229 6.43 27.45 7.96
CA VAL B 229 7.04 27.60 6.64
C VAL B 229 6.89 26.30 5.85
N LEU B 230 7.07 25.16 6.51
CA LEU B 230 6.87 23.84 5.91
C LEU B 230 5.44 23.65 5.42
N LEU B 231 4.46 24.00 6.26
CA LEU B 231 3.05 23.99 5.87
C LEU B 231 2.79 24.82 4.61
N TRP B 232 3.38 26.01 4.56
CA TRP B 232 3.26 26.89 3.40
C TRP B 232 3.82 26.22 2.15
N GLU B 233 5.00 25.61 2.28
CA GLU B 233 5.60 24.86 1.18
C GLU B 233 4.69 23.74 0.69
N ILE B 234 4.12 23.01 1.66
CA ILE B 234 3.19 21.92 1.35
C ILE B 234 2.00 22.42 0.55
N PHE B 235 1.41 23.52 1.00
CA PHE B 235 0.17 24.04 0.41
C PHE B 235 0.39 25.06 -0.71
N SER B 236 1.65 25.29 -1.05
CA SER B 236 2.02 25.98 -2.27
C SER B 236 2.44 24.94 -3.29
N LEU B 237 2.39 23.67 -2.86
CA LEU B 237 2.89 22.54 -3.64
C LEU B 237 4.34 22.73 -4.10
N GLY B 238 5.22 23.04 -3.14
CA GLY B 238 6.65 23.04 -3.36
C GLY B 238 7.27 24.33 -3.84
N ALA B 239 6.65 25.46 -3.49
CA ALA B 239 7.19 26.77 -3.84
C ALA B 239 8.19 27.25 -2.79
N SER B 240 8.96 28.28 -3.14
CA SER B 240 9.88 28.93 -2.20
C SER B 240 9.18 30.00 -1.36
N PRO B 241 9.36 29.94 -0.02
CA PRO B 241 8.86 30.98 0.87
C PRO B 241 9.38 32.35 0.47
N TYR B 242 8.60 33.39 0.82
CA TYR B 242 8.90 34.78 0.47
C TYR B 242 9.37 34.95 -0.97
N PRO B 243 8.46 34.81 -1.95
CA PRO B 243 8.78 34.96 -3.37
C PRO B 243 9.23 36.39 -3.72
N GLY B 244 10.40 36.48 -4.36
CA GLY B 244 10.96 37.75 -4.85
C GLY B 244 11.32 38.76 -3.77
N VAL B 245 11.89 38.27 -2.67
CA VAL B 245 12.31 39.12 -1.56
C VAL B 245 13.75 38.77 -1.24
N LYS B 246 14.63 39.77 -1.25
CA LYS B 246 16.02 39.58 -0.81
C LYS B 246 16.07 39.38 0.70
N ILE B 247 17.02 38.56 1.14
CA ILE B 247 17.15 38.23 2.55
C ILE B 247 18.11 39.21 3.23
N ASP B 248 17.54 40.27 3.80
CA ASP B 248 18.32 41.37 4.36
C ASP B 248 17.68 41.96 5.61
N GLU B 249 18.10 43.16 6.00
CA GLU B 249 17.61 43.84 7.20
C GLU B 249 16.13 44.21 7.14
N GLU B 250 15.67 44.64 5.96
CA GLU B 250 14.27 45.01 5.76
C GLU B 250 13.34 43.81 5.93
N PHE B 251 13.83 42.64 5.53
CA PHE B 251 13.12 41.39 5.72
C PHE B 251 12.93 41.10 7.22
N CYS B 252 14.04 41.15 7.96
CA CYS B 252 14.04 40.88 9.40
C CYS B 252 13.24 41.90 10.20
N ARG B 253 13.26 43.15 9.74
CA ARG B 253 12.54 44.23 10.42
C ARG B 253 11.02 44.03 10.26
N ARG B 254 10.58 43.81 9.02
CA ARG B 254 9.16 43.55 8.73
C ARG B 254 8.67 42.26 9.38
N LEU B 255 9.58 41.32 9.57
CA LEU B 255 9.29 40.07 10.28
C LEU B 255 9.00 40.36 11.76
N LYS B 256 9.77 41.29 12.33
CA LYS B 256 9.52 41.79 13.69
C LYS B 256 8.25 42.63 13.75
N GLU B 257 7.97 43.37 12.67
CA GLU B 257 6.76 44.18 12.55
C GLU B 257 5.49 43.35 12.48
N GLY B 258 5.62 42.09 12.05
CA GLY B 258 4.48 41.18 11.95
C GLY B 258 4.00 40.94 10.53
N THR B 259 4.83 41.28 9.54
CA THR B 259 4.51 41.03 8.14
C THR B 259 4.77 39.56 7.83
N ARG B 260 3.79 38.90 7.23
CA ARG B 260 3.85 37.46 6.97
C ARG B 260 3.62 37.15 5.50
N MET B 261 3.73 35.87 5.14
CA MET B 261 3.41 35.41 3.80
C MET B 261 1.90 35.34 3.60
N ARG B 262 1.48 35.69 2.39
CA ARG B 262 0.07 35.56 2.02
C ARG B 262 -0.24 34.08 1.77
N ALA B 263 -1.50 33.72 1.91
CA ALA B 263 -1.95 32.34 1.75
C ALA B 263 -1.49 31.74 0.41
N PRO B 264 -0.90 30.53 0.45
CA PRO B 264 -0.49 29.83 -0.76
C PRO B 264 -1.67 29.30 -1.58
N ASP B 265 -1.42 28.94 -2.84
CA ASP B 265 -2.49 28.64 -3.80
C ASP B 265 -3.48 27.55 -3.42
N TYR B 266 -3.02 26.52 -2.72
CA TYR B 266 -3.83 25.34 -2.43
C TYR B 266 -4.12 25.16 -0.94
N THR B 267 -4.11 26.25 -0.19
CA THR B 267 -4.40 26.17 1.24
C THR B 267 -5.89 26.22 1.51
N THR B 268 -6.30 25.65 2.64
CA THR B 268 -7.64 25.86 3.16
C THR B 268 -7.57 27.03 4.15
N PRO B 269 -8.70 27.72 4.39
CA PRO B 269 -8.72 28.81 5.37
C PRO B 269 -8.14 28.38 6.72
N GLU B 270 -8.58 27.23 7.22
CA GLU B 270 -8.13 26.68 8.50
C GLU B 270 -6.61 26.47 8.55
N MET B 271 -6.05 25.96 7.46
CA MET B 271 -4.61 25.65 7.39
C MET B 271 -3.72 26.89 7.38
N TYR B 272 -4.15 27.94 6.69
CA TYR B 272 -3.44 29.21 6.69
C TYR B 272 -3.46 29.84 8.08
N GLN B 273 -4.60 29.69 8.76
CA GLN B 273 -4.74 30.15 10.15
C GLN B 273 -3.69 29.47 11.04
N THR B 274 -3.49 28.17 10.82
CA THR B 274 -2.48 27.40 11.54
C THR B 274 -1.06 27.91 11.26
N MET B 275 -0.78 28.25 10.00
CA MET B 275 0.50 28.83 9.63
C MET B 275 0.75 30.13 10.40
N LEU B 276 -0.27 31.00 10.40
CA LEU B 276 -0.21 32.27 11.13
C LEU B 276 0.00 32.06 12.63
N ASP B 277 -0.67 31.05 13.18
CA ASP B 277 -0.47 30.65 14.58
C ASP B 277 0.97 30.26 14.86
N CYS B 278 1.53 29.43 13.97
CA CYS B 278 2.92 29.00 14.05
C CYS B 278 3.87 30.19 13.96
N TRP B 279 3.42 31.25 13.29
CA TRP B 279 4.26 32.41 13.05
C TRP B 279 4.02 33.58 14.03
N HIS B 280 3.45 33.27 15.19
CA HIS B 280 3.30 34.27 16.25
C HIS B 280 4.68 34.75 16.70
N GLY B 281 4.82 36.07 16.84
CA GLY B 281 6.12 36.71 17.13
C GLY B 281 6.71 36.38 18.49
N GLU B 282 5.88 35.82 19.38
CA GLU B 282 6.31 35.42 20.70
C GLU B 282 6.42 33.90 20.78
N PRO B 283 7.67 33.37 20.82
CA PRO B 283 7.94 31.93 20.89
C PRO B 283 6.99 31.15 21.80
N SER B 284 6.76 31.66 23.01
CA SER B 284 5.93 30.99 24.00
C SER B 284 4.43 31.02 23.66
N GLN B 285 4.07 31.82 22.66
CA GLN B 285 2.66 31.99 22.27
C GLN B 285 2.25 31.12 21.08
N ARG B 286 3.25 30.58 20.37
CA ARG B 286 3.01 29.62 19.30
C ARG B 286 2.41 28.34 19.87
N PRO B 287 1.59 27.62 19.08
CA PRO B 287 1.10 26.33 19.56
C PRO B 287 2.24 25.32 19.74
N THR B 288 1.97 24.24 20.47
CA THR B 288 2.93 23.15 20.62
C THR B 288 2.66 22.08 19.57
N PHE B 289 3.64 21.21 19.34
CA PHE B 289 3.48 20.14 18.35
C PHE B 289 2.35 19.21 18.75
N SER B 290 2.18 19.00 20.05
CA SER B 290 1.10 18.19 20.59
C SER B 290 -0.25 18.81 20.23
N GLU B 291 -0.35 20.13 20.40
CA GLU B 291 -1.54 20.88 20.00
C GLU B 291 -1.77 20.80 18.49
N LEU B 292 -0.68 20.78 17.72
CA LEU B 292 -0.74 20.64 16.27
C LEU B 292 -1.22 19.26 15.85
N VAL B 293 -0.75 18.21 16.53
CA VAL B 293 -1.17 16.82 16.26
C VAL B 293 -2.68 16.64 16.46
N GLU B 294 -3.20 17.22 17.54
CA GLU B 294 -4.64 17.20 17.82
C GLU B 294 -5.41 17.88 16.69
N HIS B 295 -5.08 19.15 16.44
CA HIS B 295 -5.80 19.97 15.47
C HIS B 295 -5.75 19.42 14.04
N LEU B 296 -4.58 18.97 13.60
CA LEU B 296 -4.40 18.47 12.24
C LEU B 296 -5.09 17.13 12.03
N GLY B 297 -5.10 16.31 13.08
CA GLY B 297 -5.84 15.05 13.07
C GLY B 297 -7.34 15.27 12.97
N ASN B 298 -7.80 16.42 13.46
CA ASN B 298 -9.19 16.83 13.35
C ASN B 298 -9.55 17.36 11.96
N LEU B 299 -8.65 18.14 11.37
CA LEU B 299 -8.83 18.63 9.99
C LEU B 299 -8.84 17.48 8.97
N LEU B 300 -8.12 16.41 9.29
CA LEU B 300 -8.10 15.19 8.49
C LEU B 300 -9.45 14.47 8.59
N GLN B 301 -10.46 15.02 7.92
CA GLN B 301 -11.84 14.53 7.97
C GLN B 301 -12.51 14.52 6.59
#